data_7EV3
#
_entry.id   7EV3
#
_cell.length_a   61.266
_cell.length_b   61.266
_cell.length_c   333.627
_cell.angle_alpha   90.000
_cell.angle_beta   90.000
_cell.angle_gamma   120.000
#
_symmetry.space_group_name_H-M   'P 65 2 2'
#
loop_
_entity.id
_entity.type
_entity.pdbx_description
1 polymer 'Tryptophan--tRNA ligase'
2 non-polymer "ADENOSINE-5'-TRIPHOSPHATE"
3 non-polymer 'MAGNESIUM ION'
4 non-polymer (5S)-5-[(1R)-1-(4-fluoranyl-1H-indol-3-yl)ethyl]-2-(methylamino)-1,3-oxazol-4-one
5 water water
#
_entity_poly.entity_id   1
_entity_poly.type   'polypeptide(L)'
_entity_poly.pdbx_seq_one_letter_code
;MSTPTGSRRIFSGVQPTSDSLHLGNALGAVAQWVGLQDDHDAFFCVVDLHAITIPQDPEALRRRTLITAAQYLALGIDPG
RATIFVQSQVPAHTQLAWVLGCFTGFGQASRMTQFKDKSARQGSEATTVGLFTYPVLQAADVLAYDTELVPVGEDQRQHL
ELARDVAQRFNSRFPGTLVVPDVLIPKMTAKIYDLQDPTSKMSKSAGTDAGLINLLDDPALSAKKIRSAVTDSERDIRYD
PDVKPGVSNLLNIQSAVTGTDIDVLVDGYAGHGYGDLKKDTAEAVVEFVNPIQARVDELTADPAELEAVLAAGAQRAHDV
ASKTVQRVYDRLGFLLLEHHHHHH
;
_entity_poly.pdbx_strand_id   A
#
loop_
_chem_comp.id
_chem_comp.type
_chem_comp.name
_chem_comp.formula
ATP non-polymer ADENOSINE-5'-TRIPHOSPHATE 'C10 H16 N5 O13 P3'
JE3 non-polymer (5S)-5-[(1R)-1-(4-fluoranyl-1H-indol-3-yl)ethyl]-2-(methylamino)-1,3-oxazol-4-one 'C14 H14 F N3 O2'
MG non-polymer 'MAGNESIUM ION' 'Mg 2'
#
# COMPACT_ATOMS: atom_id res chain seq x y z
N THR A 5 18.16 11.87 -4.54
CA THR A 5 18.41 12.72 -5.71
C THR A 5 17.10 13.06 -6.44
N GLY A 6 16.87 12.41 -7.58
CA GLY A 6 15.63 12.56 -8.34
C GLY A 6 15.42 11.46 -9.37
N SER A 7 16.01 10.29 -9.13
CA SER A 7 15.98 9.16 -10.06
C SER A 7 15.78 7.88 -9.26
N ARG A 8 15.55 6.77 -9.97
CA ARG A 8 14.94 5.60 -9.36
C ARG A 8 13.64 6.01 -8.67
N ARG A 9 12.86 6.83 -9.35
CA ARG A 9 11.66 7.43 -8.76
C ARG A 9 10.62 6.37 -8.42
N ILE A 10 10.11 6.45 -7.19
CA ILE A 10 9.18 5.50 -6.59
C ILE A 10 7.90 6.24 -6.23
N PHE A 11 6.75 5.59 -6.40
CA PHE A 11 5.46 6.12 -5.96
C PHE A 11 4.58 4.98 -5.51
N SER A 12 3.87 5.20 -4.41
CA SER A 12 2.87 4.23 -3.94
C SER A 12 1.96 4.91 -2.92
N GLY A 13 0.74 4.40 -2.81
CA GLY A 13 -0.25 5.07 -1.98
C GLY A 13 -1.17 4.08 -1.29
N VAL A 14 -1.66 4.47 -0.11
CA VAL A 14 -2.66 3.71 0.62
C VAL A 14 -3.85 4.61 0.90
N GLN A 15 -5.02 4.00 0.96
CA GLN A 15 -6.29 4.69 1.13
C GLN A 15 -6.57 4.94 2.61
N PRO A 16 -6.98 6.12 3.00
CA PRO A 16 -7.31 6.35 4.41
C PRO A 16 -8.71 5.84 4.76
N THR A 17 -8.96 4.58 4.44
CA THR A 17 -10.32 4.07 4.56
C THR A 17 -10.59 3.42 5.91
N SER A 18 -9.62 3.38 6.81
CA SER A 18 -9.82 2.78 8.12
C SER A 18 -8.89 3.43 9.12
N ASP A 19 -9.16 3.17 10.41
CA ASP A 19 -8.35 3.74 11.48
C ASP A 19 -7.04 3.00 11.70
N SER A 20 -6.72 2.03 10.86
CA SER A 20 -5.47 1.30 11.03
C SER A 20 -5.15 0.56 9.74
N LEU A 21 -3.88 0.65 9.33
CA LEU A 21 -3.38 -0.30 8.38
C LEU A 21 -3.43 -1.69 8.99
N HIS A 22 -3.57 -2.71 8.14
CA HIS A 22 -3.42 -4.07 8.61
C HIS A 22 -2.08 -4.63 8.14
N LEU A 23 -1.85 -5.92 8.42
CA LEU A 23 -0.53 -6.48 8.13
C LEU A 23 -0.25 -6.52 6.64
N GLY A 24 -1.29 -6.78 5.84
CA GLY A 24 -1.20 -6.71 4.39
C GLY A 24 -0.55 -5.42 3.93
N ASN A 25 -1.13 -4.28 4.33
CA ASN A 25 -0.55 -2.98 3.93
C ASN A 25 0.88 -2.86 4.41
N ALA A 26 1.15 -3.21 5.67
CA ALA A 26 2.47 -2.93 6.21
C ALA A 26 3.53 -3.92 5.68
N LEU A 27 3.19 -5.19 5.54
CA LEU A 27 4.19 -6.12 5.02
C LEU A 27 4.18 -6.19 3.50
N GLY A 28 3.00 -6.09 2.88
CA GLY A 28 2.90 -6.17 1.44
C GLY A 28 3.29 -4.91 0.71
N ALA A 29 3.26 -3.77 1.40
CA ALA A 29 3.60 -2.54 0.70
C ALA A 29 4.62 -1.71 1.48
N VAL A 30 4.25 -1.24 2.68
CA VAL A 30 5.08 -0.24 3.36
C VAL A 30 6.46 -0.80 3.70
N ALA A 31 6.57 -2.11 3.93
CA ALA A 31 7.87 -2.71 4.17
C ALA A 31 8.78 -2.55 2.96
N GLN A 32 8.26 -2.79 1.77
CA GLN A 32 9.03 -2.53 0.56
C GLN A 32 9.43 -1.07 0.46
N TRP A 33 8.49 -0.16 0.75
CA TRP A 33 8.83 1.26 0.71
C TRP A 33 10.01 1.58 1.61
N VAL A 34 10.02 1.00 2.81
CA VAL A 34 11.06 1.32 3.76
C VAL A 34 12.42 0.87 3.26
N GLY A 35 12.50 -0.37 2.75
CA GLY A 35 13.73 -0.84 2.12
C GLY A 35 14.19 0.02 0.95
N LEU A 36 13.22 0.49 0.14
CA LEU A 36 13.53 1.19 -1.10
C LEU A 36 13.91 2.64 -0.90
N GLN A 37 13.34 3.32 0.10
CA GLN A 37 13.51 4.77 0.25
C GLN A 37 14.96 5.18 0.46
N ASP A 38 15.84 4.24 0.74
CA ASP A 38 17.22 4.62 1.01
C ASP A 38 17.93 5.10 -0.25
N ASP A 39 17.77 4.37 -1.37
CA ASP A 39 18.40 4.72 -2.63
C ASP A 39 17.38 4.98 -3.74
N HIS A 40 16.12 5.21 -3.40
CA HIS A 40 15.11 5.56 -4.38
C HIS A 40 14.48 6.88 -3.99
N ASP A 41 14.39 7.82 -4.93
CA ASP A 41 13.64 9.06 -4.75
C ASP A 41 12.16 8.72 -4.67
N ALA A 42 11.61 8.72 -3.47
CA ALA A 42 10.32 8.10 -3.20
C ALA A 42 9.24 9.13 -2.89
N PHE A 43 8.02 8.90 -3.39
CA PHE A 43 6.82 9.67 -3.09
C PHE A 43 5.77 8.72 -2.53
N PHE A 44 5.36 8.97 -1.28
CA PHE A 44 4.38 8.11 -0.61
C PHE A 44 3.16 8.92 -0.26
N CYS A 45 2.00 8.44 -0.69
CA CYS A 45 0.81 9.28 -0.76
C CYS A 45 -0.30 8.63 0.04
N VAL A 46 -0.98 9.42 0.87
CA VAL A 46 -2.26 9.02 1.43
C VAL A 46 -3.30 9.40 0.38
N VAL A 47 -3.97 8.42 -0.22
CA VAL A 47 -4.80 8.73 -1.38
C VAL A 47 -6.25 8.93 -0.97
N ASP A 48 -6.54 10.11 -0.43
CA ASP A 48 -7.86 10.34 0.12
C ASP A 48 -8.92 10.48 -0.97
N LEU A 49 -8.55 10.95 -2.18
CA LEU A 49 -9.52 11.02 -3.27
C LEU A 49 -10.08 9.64 -3.59
N HIS A 50 -9.25 8.60 -3.47
CA HIS A 50 -9.75 7.26 -3.74
C HIS A 50 -10.70 6.80 -2.66
N ALA A 51 -10.50 7.28 -1.43
CA ALA A 51 -11.33 6.81 -0.34
C ALA A 51 -12.81 7.08 -0.63
N ILE A 52 -13.13 8.23 -1.24
CA ILE A 52 -14.52 8.65 -1.35
C ILE A 52 -15.23 8.00 -2.54
N THR A 53 -14.57 7.04 -3.19
CA THR A 53 -15.32 6.18 -4.09
C THR A 53 -16.42 5.48 -3.33
N ILE A 54 -16.19 5.24 -2.05
CA ILE A 54 -17.15 4.69 -1.10
C ILE A 54 -17.51 5.82 -0.15
N PRO A 55 -18.76 5.96 0.27
CA PRO A 55 -19.11 7.08 1.16
C PRO A 55 -18.28 7.04 2.43
N GLN A 56 -17.83 8.21 2.87
CA GLN A 56 -16.92 8.34 4.02
C GLN A 56 -17.46 9.37 5.00
N ASP A 57 -17.29 9.10 6.28
CA ASP A 57 -17.61 10.08 7.31
C ASP A 57 -16.59 11.20 7.32
N PRO A 58 -16.99 12.46 7.16
CA PRO A 58 -16.01 13.55 7.10
C PRO A 58 -15.08 13.64 8.31
N GLU A 59 -15.56 13.45 9.53
CA GLU A 59 -14.66 13.55 10.67
C GLU A 59 -13.63 12.44 10.65
N ALA A 60 -14.08 11.22 10.29
CA ALA A 60 -13.19 10.06 10.24
C ALA A 60 -12.17 10.18 9.10
N LEU A 61 -12.61 10.65 7.92
CA LEU A 61 -11.72 10.74 6.77
C LEU A 61 -10.54 11.66 7.06
N ARG A 62 -10.81 12.81 7.70
CA ARG A 62 -9.70 13.69 8.04
C ARG A 62 -8.81 13.08 9.10
N ARG A 63 -9.40 12.44 10.11
CA ARG A 63 -8.64 11.75 11.15
C ARG A 63 -7.78 10.65 10.57
N ARG A 64 -8.37 9.84 9.67
CA ARG A 64 -7.67 8.69 9.08
C ARG A 64 -6.63 9.13 8.06
N THR A 65 -6.79 10.29 7.45
CA THR A 65 -5.72 10.77 6.59
C THR A 65 -4.45 10.97 7.40
N LEU A 66 -4.57 11.64 8.55
CA LEU A 66 -3.38 11.82 9.38
C LEU A 66 -2.89 10.49 9.96
N ILE A 67 -3.81 9.66 10.45
CA ILE A 67 -3.41 8.39 11.05
C ILE A 67 -2.68 7.54 10.03
N THR A 68 -3.06 7.64 8.75
CA THR A 68 -2.39 6.80 7.77
C THR A 68 -0.99 7.32 7.50
N ALA A 69 -0.85 8.64 7.35
CA ALA A 69 0.47 9.21 7.22
C ALA A 69 1.35 8.82 8.41
N ALA A 70 0.83 8.98 9.63
CA ALA A 70 1.62 8.66 10.81
C ALA A 70 2.05 7.18 10.84
N GLN A 71 1.16 6.28 10.46
CA GLN A 71 1.59 4.91 10.33
C GLN A 71 2.71 4.76 9.29
N TYR A 72 2.71 5.57 8.23
CA TYR A 72 3.88 5.57 7.35
C TYR A 72 5.15 5.84 8.15
N LEU A 73 5.18 6.91 8.98
CA LEU A 73 6.39 7.18 9.76
C LEU A 73 6.65 6.08 10.78
N ALA A 74 5.60 5.60 11.45
CA ALA A 74 5.85 4.61 12.50
C ALA A 74 6.31 3.27 11.95
N LEU A 75 6.25 3.08 10.63
CA LEU A 75 6.78 1.88 10.00
C LEU A 75 8.17 2.13 9.45
N GLY A 76 8.66 3.36 9.55
CA GLY A 76 10.02 3.66 9.17
C GLY A 76 10.19 4.54 7.95
N ILE A 77 9.12 5.14 7.44
CA ILE A 77 9.29 6.09 6.36
C ILE A 77 9.96 7.32 6.95
N ASP A 78 11.00 7.78 6.28
CA ASP A 78 11.88 8.82 6.80
C ASP A 78 11.61 10.09 6.03
N PRO A 79 10.98 11.11 6.63
CA PRO A 79 10.64 12.32 5.88
C PRO A 79 11.84 13.08 5.36
N GLY A 80 13.05 12.79 5.87
CA GLY A 80 14.26 13.31 5.27
C GLY A 80 14.69 12.57 4.01
N ARG A 81 14.23 11.33 3.84
CA ARG A 81 14.54 10.52 2.68
C ARG A 81 13.39 10.42 1.68
N ALA A 82 12.16 10.70 2.09
CA ALA A 82 11.03 10.49 1.21
C ALA A 82 10.01 11.61 1.42
N THR A 83 9.08 11.70 0.48
CA THR A 83 8.01 12.67 0.52
C THR A 83 6.73 11.95 0.90
N ILE A 84 6.08 12.36 2.00
CA ILE A 84 4.73 11.90 2.33
C ILE A 84 3.80 13.07 2.09
N PHE A 85 2.66 12.81 1.46
CA PHE A 85 1.73 13.89 1.15
C PHE A 85 0.36 13.29 0.94
N VAL A 86 -0.64 14.18 0.95
CA VAL A 86 -2.05 13.81 0.81
C VAL A 86 -2.48 14.11 -0.62
N GLN A 87 -3.13 13.13 -1.26
CA GLN A 87 -3.45 13.21 -2.68
C GLN A 87 -4.27 14.45 -2.99
N SER A 88 -5.33 14.70 -2.22
CA SER A 88 -6.23 15.80 -2.54
C SER A 88 -5.52 17.14 -2.57
N GLN A 89 -4.35 17.26 -1.94
CA GLN A 89 -3.70 18.55 -1.91
C GLN A 89 -2.90 18.87 -3.17
N VAL A 90 -2.81 17.94 -4.12
CA VAL A 90 -2.06 18.16 -5.35
C VAL A 90 -3.01 18.06 -6.53
N PRO A 91 -3.41 19.20 -7.09
CA PRO A 91 -4.44 19.19 -8.14
C PRO A 91 -4.07 18.38 -9.34
N ALA A 92 -2.77 18.23 -9.61
CA ALA A 92 -2.31 17.56 -10.80
C ALA A 92 -2.94 16.18 -10.97
N HIS A 93 -3.20 15.46 -9.88
CA HIS A 93 -3.72 14.11 -10.01
C HIS A 93 -5.00 14.08 -10.83
N THR A 94 -5.94 14.98 -10.53
CA THR A 94 -7.22 14.95 -11.24
C THR A 94 -7.07 15.47 -12.67
N GLN A 95 -6.22 16.48 -12.85
CA GLN A 95 -5.90 17.00 -14.18
C GLN A 95 -5.42 15.88 -15.08
N LEU A 96 -4.33 15.25 -14.68
CA LEU A 96 -3.80 14.12 -15.43
C LEU A 96 -4.82 12.98 -15.55
N ALA A 97 -5.69 12.81 -14.55
CA ALA A 97 -6.69 11.75 -14.63
C ALA A 97 -7.68 12.01 -15.74
N TRP A 98 -8.14 13.26 -15.88
CA TRP A 98 -9.03 13.56 -17.00
C TRP A 98 -8.37 13.21 -18.33
N VAL A 99 -7.15 13.75 -18.57
CA VAL A 99 -6.45 13.45 -19.82
C VAL A 99 -6.39 11.94 -20.04
N LEU A 100 -5.90 11.19 -19.05
CA LEU A 100 -5.68 9.76 -19.25
C LEU A 100 -6.96 8.99 -19.51
N GLY A 101 -8.10 9.45 -18.98
CA GLY A 101 -9.36 8.78 -19.27
C GLY A 101 -9.75 8.90 -20.72
N CYS A 102 -9.38 10.01 -21.36
CA CYS A 102 -9.58 10.18 -22.78
C CYS A 102 -8.79 9.20 -23.60
N PHE A 103 -7.76 8.57 -23.01
CA PHE A 103 -6.95 7.55 -23.66
C PHE A 103 -7.17 6.16 -23.10
N THR A 104 -8.24 5.95 -22.34
CA THR A 104 -8.56 4.67 -21.72
C THR A 104 -9.82 4.10 -22.36
N GLY A 105 -9.72 2.91 -22.93
CA GLY A 105 -10.90 2.28 -23.49
C GLY A 105 -11.98 2.09 -22.44
N PHE A 106 -13.23 2.23 -22.87
CA PHE A 106 -14.34 1.91 -21.98
C PHE A 106 -14.31 0.43 -21.60
N GLY A 107 -14.24 -0.46 -22.60
CA GLY A 107 -14.11 -1.87 -22.29
C GLY A 107 -12.90 -2.16 -21.45
N GLN A 108 -11.85 -1.37 -21.64
CA GLN A 108 -10.63 -1.54 -20.87
C GLN A 108 -10.87 -1.34 -19.38
N ALA A 109 -11.70 -0.36 -19.03
CA ALA A 109 -12.03 -0.16 -17.62
C ALA A 109 -13.14 -1.08 -17.16
N SER A 110 -14.00 -1.52 -18.08
CA SER A 110 -15.02 -2.50 -17.74
C SER A 110 -14.39 -3.79 -17.25
N ARG A 111 -13.36 -4.26 -17.94
CA ARG A 111 -12.71 -5.53 -17.65
C ARG A 111 -11.91 -5.51 -16.35
N MET A 112 -11.95 -4.42 -15.58
CA MET A 112 -11.24 -4.36 -14.30
C MET A 112 -12.07 -5.11 -13.25
N THR A 113 -11.44 -6.08 -12.59
CA THR A 113 -12.13 -7.05 -11.77
C THR A 113 -12.72 -6.42 -10.50
N THR A 127 -23.06 1.06 -8.12
CA THR A 127 -21.85 1.35 -8.89
C THR A 127 -21.86 2.83 -9.24
N THR A 128 -20.79 3.56 -8.95
CA THR A 128 -20.73 4.96 -9.34
C THR A 128 -19.75 5.16 -10.50
N VAL A 129 -19.69 6.40 -10.98
CA VAL A 129 -18.67 6.74 -11.98
C VAL A 129 -17.30 6.67 -11.35
N GLY A 130 -17.17 7.15 -10.11
CA GLY A 130 -15.90 7.10 -9.44
C GLY A 130 -15.41 5.69 -9.22
N LEU A 131 -16.32 4.75 -8.93
CA LEU A 131 -15.90 3.36 -8.84
C LEU A 131 -15.43 2.85 -10.17
N PHE A 132 -15.93 3.40 -11.26
CA PHE A 132 -15.57 2.89 -12.56
C PHE A 132 -14.27 3.51 -13.06
N THR A 133 -13.95 4.75 -12.64
CA THR A 133 -12.80 5.45 -13.19
C THR A 133 -11.58 5.46 -12.26
N TYR A 134 -11.69 4.99 -10.99
CA TYR A 134 -10.56 5.17 -10.08
C TYR A 134 -9.27 4.53 -10.60
N PRO A 135 -9.26 3.41 -11.34
CA PRO A 135 -7.98 2.97 -11.92
C PRO A 135 -7.35 4.02 -12.81
N VAL A 136 -8.15 4.86 -13.48
CA VAL A 136 -7.53 5.95 -14.23
C VAL A 136 -6.92 6.96 -13.27
N LEU A 137 -7.60 7.27 -12.16
CA LEU A 137 -6.99 8.19 -11.20
C LEU A 137 -5.73 7.60 -10.59
N GLN A 138 -5.77 6.30 -10.29
CA GLN A 138 -4.55 5.62 -9.87
C GLN A 138 -3.46 5.73 -10.93
N ALA A 139 -3.82 5.61 -12.21
CA ALA A 139 -2.81 5.75 -13.25
C ALA A 139 -2.17 7.13 -13.20
N ALA A 140 -2.99 8.16 -13.01
CA ALA A 140 -2.43 9.51 -12.96
C ALA A 140 -1.58 9.72 -11.72
N ASP A 141 -1.97 9.09 -10.60
CA ASP A 141 -1.20 9.16 -9.36
C ASP A 141 0.26 8.77 -9.58
N VAL A 142 0.46 7.65 -10.28
CA VAL A 142 1.80 7.15 -10.57
C VAL A 142 2.47 7.97 -11.66
N LEU A 143 1.81 8.12 -12.82
CA LEU A 143 2.49 8.76 -13.95
C LEU A 143 2.74 10.24 -13.72
N ALA A 144 2.06 10.84 -12.74
CA ALA A 144 2.25 12.27 -12.55
C ALA A 144 3.64 12.62 -12.03
N TYR A 145 4.41 11.63 -11.57
CA TYR A 145 5.69 11.89 -10.93
C TYR A 145 6.84 11.27 -11.69
N ASP A 146 6.67 10.99 -12.98
CA ASP A 146 7.70 10.34 -13.78
C ASP A 146 8.23 9.10 -13.07
N THR A 147 7.30 8.26 -12.61
CA THR A 147 7.63 7.18 -11.69
C THR A 147 8.32 6.04 -12.44
N GLU A 148 9.48 5.62 -11.94
CA GLU A 148 10.10 4.44 -12.55
C GLU A 148 9.62 3.13 -11.96
N LEU A 149 9.23 3.11 -10.69
CA LEU A 149 8.91 1.83 -10.05
C LEU A 149 7.77 2.03 -9.06
N VAL A 150 6.85 1.08 -9.02
CA VAL A 150 5.66 1.14 -8.17
C VAL A 150 5.67 -0.06 -7.24
N PRO A 151 6.06 0.13 -5.98
CA PRO A 151 5.96 -0.95 -5.00
C PRO A 151 4.55 -1.15 -4.48
N VAL A 152 3.85 -2.16 -5.01
CA VAL A 152 2.52 -2.50 -4.54
C VAL A 152 2.45 -3.99 -4.25
N GLY A 153 1.37 -4.38 -3.58
CA GLY A 153 1.06 -5.78 -3.41
C GLY A 153 0.39 -6.34 -4.65
N GLU A 154 0.03 -7.62 -4.55
CA GLU A 154 -0.41 -8.33 -5.74
C GLU A 154 -1.71 -7.74 -6.30
N ASP A 155 -2.65 -7.42 -5.43
CA ASP A 155 -3.97 -6.95 -5.86
C ASP A 155 -3.94 -5.66 -6.70
N GLN A 156 -2.82 -4.95 -6.77
CA GLN A 156 -2.75 -3.67 -7.49
C GLN A 156 -2.12 -3.82 -8.87
N ARG A 157 -1.91 -5.05 -9.29
CA ARG A 157 -1.16 -5.36 -10.49
C ARG A 157 -1.94 -5.04 -11.74
N GLN A 158 -3.14 -5.62 -11.87
CA GLN A 158 -3.96 -5.36 -13.04
C GLN A 158 -4.16 -3.86 -13.21
N HIS A 159 -4.40 -3.18 -12.09
CA HIS A 159 -4.51 -1.73 -12.07
C HIS A 159 -3.30 -1.08 -12.74
N LEU A 160 -2.10 -1.48 -12.34
CA LEU A 160 -0.91 -0.85 -12.89
C LEU A 160 -0.55 -1.34 -14.28
N GLU A 161 -1.15 -2.45 -14.73
CA GLU A 161 -0.98 -2.77 -16.15
C GLU A 161 -1.79 -1.82 -17.02
N LEU A 162 -2.97 -1.41 -16.58
CA LEU A 162 -3.70 -0.35 -17.26
C LEU A 162 -2.89 0.94 -17.27
N ALA A 163 -2.31 1.30 -16.13
CA ALA A 163 -1.50 2.51 -16.03
C ALA A 163 -0.38 2.52 -17.07
N ARG A 164 0.22 1.37 -17.33
CA ARG A 164 1.29 1.29 -18.31
C ARG A 164 0.74 1.33 -19.73
N ASP A 165 -0.36 0.60 -19.99
CA ASP A 165 -1.00 0.64 -21.31
C ASP A 165 -1.40 2.07 -21.69
N VAL A 166 -2.09 2.79 -20.81
CA VAL A 166 -2.47 4.15 -21.14
C VAL A 166 -1.22 5.03 -21.29
N ALA A 167 -0.15 4.75 -20.54
CA ALA A 167 1.06 5.55 -20.73
C ALA A 167 1.67 5.29 -22.11
N GLN A 168 1.73 4.05 -22.54
CA GLN A 168 2.22 3.72 -23.88
C GLN A 168 1.27 4.19 -24.97
N ARG A 169 -0.03 4.10 -24.68
CA ARG A 169 -1.04 4.55 -25.62
C ARG A 169 -0.85 6.06 -25.85
N PHE A 170 -0.62 6.80 -24.76
CA PHE A 170 -0.40 8.23 -24.87
C PHE A 170 0.93 8.56 -25.53
N ASN A 171 1.99 7.82 -25.18
CA ASN A 171 3.31 8.11 -25.74
C ASN A 171 3.40 7.83 -27.22
N SER A 172 2.62 6.87 -27.73
CA SER A 172 2.68 6.65 -29.18
C SER A 172 2.21 7.88 -29.95
N ARG A 173 1.24 8.62 -29.42
CA ARG A 173 0.83 9.87 -30.06
C ARG A 173 1.78 11.02 -29.74
N PHE A 174 2.34 11.03 -28.53
CA PHE A 174 3.25 12.09 -28.09
C PHE A 174 4.43 11.39 -27.45
N PRO A 175 5.42 11.01 -28.25
CA PRO A 175 6.56 10.26 -27.73
C PRO A 175 7.32 11.02 -26.66
N GLY A 176 7.78 10.27 -25.66
CA GLY A 176 8.69 10.80 -24.67
C GLY A 176 8.07 11.65 -23.59
N THR A 177 6.76 11.55 -23.40
CA THR A 177 6.04 12.43 -22.49
C THR A 177 5.84 11.80 -21.11
N LEU A 178 5.44 10.55 -21.07
CA LEU A 178 5.15 9.87 -19.82
C LEU A 178 6.18 8.77 -19.59
N VAL A 179 6.61 8.64 -18.34
CA VAL A 179 7.47 7.52 -17.98
C VAL A 179 6.59 6.29 -17.84
N VAL A 180 6.94 5.21 -18.52
CA VAL A 180 6.21 3.97 -18.30
C VAL A 180 6.78 3.26 -17.08
N PRO A 181 5.98 3.06 -16.03
CA PRO A 181 6.50 2.51 -14.78
C PRO A 181 6.60 1.01 -14.76
N ASP A 182 7.62 0.52 -14.05
CA ASP A 182 7.75 -0.89 -13.78
C ASP A 182 7.03 -1.24 -12.49
N VAL A 183 6.36 -2.38 -12.48
CA VAL A 183 5.58 -2.83 -11.34
C VAL A 183 6.44 -3.70 -10.44
N LEU A 184 6.64 -3.27 -9.21
CA LEU A 184 7.56 -3.94 -8.30
C LEU A 184 6.73 -4.54 -7.16
N ILE A 185 6.48 -5.84 -7.23
CA ILE A 185 5.60 -6.53 -6.30
C ILE A 185 6.40 -7.68 -5.67
N PRO A 186 6.42 -7.81 -4.33
CA PRO A 186 7.21 -8.87 -3.67
C PRO A 186 6.71 -10.32 -3.91
N LYS A 187 7.17 -11.29 -3.12
CA LYS A 187 6.69 -12.67 -3.29
C LYS A 187 6.01 -13.23 -2.06
N MET A 188 6.76 -13.45 -0.97
CA MET A 188 6.27 -13.75 0.37
C MET A 188 5.08 -12.88 0.70
N THR A 189 5.29 -11.57 0.68
CA THR A 189 4.37 -10.60 1.22
C THR A 189 3.40 -10.03 0.20
N ALA A 190 3.40 -10.54 -1.04
CA ALA A 190 2.51 -10.02 -2.06
C ALA A 190 1.02 -10.15 -1.69
N LYS A 191 0.69 -11.05 -0.75
CA LYS A 191 -0.67 -11.21 -0.30
C LYS A 191 -0.61 -11.84 1.09
N ILE A 192 -0.90 -11.05 2.12
CA ILE A 192 -1.07 -11.57 3.48
C ILE A 192 -2.54 -11.95 3.62
N TYR A 193 -2.79 -13.22 3.84
CA TYR A 193 -4.19 -13.65 3.81
C TYR A 193 -4.86 -13.44 5.16
N ASP A 194 -6.19 -13.42 5.11
CA ASP A 194 -7.01 -13.42 6.31
C ASP A 194 -6.70 -14.66 7.17
N LEU A 195 -6.85 -14.51 8.48
CA LEU A 195 -6.49 -15.57 9.42
C LEU A 195 -7.57 -16.61 9.61
N GLN A 196 -8.84 -16.22 9.49
CA GLN A 196 -9.93 -17.18 9.51
C GLN A 196 -10.24 -17.72 8.14
N ASP A 197 -9.84 -17.02 7.08
CA ASP A 197 -10.18 -17.37 5.71
C ASP A 197 -8.90 -17.26 4.88
N PRO A 198 -8.01 -18.26 4.96
CA PRO A 198 -6.74 -18.18 4.22
C PRO A 198 -6.90 -18.20 2.71
N THR A 199 -8.13 -18.22 2.20
CA THR A 199 -8.36 -18.18 0.76
C THR A 199 -8.54 -16.76 0.26
N SER A 200 -8.87 -15.85 1.17
CA SER A 200 -9.07 -14.45 0.88
C SER A 200 -7.86 -13.65 1.38
N LYS A 201 -7.70 -12.44 0.84
CA LYS A 201 -6.63 -11.56 1.30
C LYS A 201 -7.13 -10.71 2.46
N MET A 202 -6.23 -10.45 3.38
CA MET A 202 -6.57 -9.60 4.50
C MET A 202 -6.87 -8.21 3.94
N SER A 203 -8.09 -7.74 4.16
CA SER A 203 -8.50 -6.44 3.63
C SER A 203 -9.49 -5.79 4.58
N LYS A 204 -9.67 -4.49 4.43
CA LYS A 204 -10.46 -3.74 5.41
C LYS A 204 -11.97 -3.93 5.28
N SER A 205 -12.45 -4.56 4.21
CA SER A 205 -13.89 -4.78 4.03
C SER A 205 -14.15 -6.28 3.90
N ALA A 206 -13.94 -7.03 4.99
CA ALA A 206 -14.17 -8.47 5.00
C ALA A 206 -15.26 -8.88 5.99
N GLY A 207 -15.91 -7.92 6.64
CA GLY A 207 -17.01 -8.22 7.54
C GLY A 207 -16.57 -8.50 8.96
N THR A 208 -15.52 -9.30 9.13
CA THR A 208 -14.98 -9.64 10.44
C THR A 208 -13.62 -8.98 10.58
N ASP A 209 -13.43 -8.18 11.64
CA ASP A 209 -12.01 -7.99 11.84
C ASP A 209 -11.37 -9.21 12.46
N ALA A 210 -12.12 -10.32 12.59
CA ALA A 210 -11.61 -11.52 13.27
C ALA A 210 -10.37 -12.09 12.59
N GLY A 211 -10.35 -12.07 11.25
CA GLY A 211 -9.19 -12.49 10.51
C GLY A 211 -8.25 -11.36 10.16
N LEU A 212 -8.48 -10.20 10.75
CA LEU A 212 -7.83 -8.95 10.42
C LEU A 212 -6.87 -8.61 11.55
N ILE A 213 -5.58 -8.50 11.22
CA ILE A 213 -4.56 -8.06 12.17
C ILE A 213 -4.30 -6.59 11.88
N ASN A 214 -4.82 -5.72 12.72
CA ASN A 214 -4.61 -4.29 12.55
C ASN A 214 -3.37 -3.84 13.30
N LEU A 215 -2.56 -3.02 12.65
CA LEU A 215 -1.37 -2.49 13.27
C LEU A 215 -1.70 -1.86 14.60
N LEU A 216 -2.81 -1.14 14.68
CA LEU A 216 -3.04 -0.30 15.83
C LEU A 216 -4.02 -0.92 16.83
N ASP A 217 -4.59 -2.09 16.53
CA ASP A 217 -5.40 -2.81 17.51
C ASP A 217 -4.58 -3.15 18.74
N ASP A 218 -5.32 -3.45 19.80
CA ASP A 218 -4.79 -3.96 21.06
C ASP A 218 -3.92 -5.18 20.80
N PRO A 219 -2.62 -5.09 21.04
CA PRO A 219 -1.72 -6.21 20.71
C PRO A 219 -2.16 -7.56 21.25
N ALA A 220 -2.79 -7.60 22.42
CA ALA A 220 -3.31 -8.87 22.93
C ALA A 220 -4.53 -9.34 22.14
N LEU A 221 -5.28 -8.40 21.54
CA LEU A 221 -6.38 -8.79 20.65
C LEU A 221 -5.84 -9.40 19.36
N SER A 222 -4.82 -8.78 18.76
CA SER A 222 -4.23 -9.35 17.56
C SER A 222 -3.61 -10.71 17.88
N ALA A 223 -2.84 -10.80 18.97
CA ALA A 223 -2.26 -12.07 19.40
C ALA A 223 -3.34 -13.13 19.56
N LYS A 224 -4.53 -12.75 20.01
CA LYS A 224 -5.58 -13.73 20.20
C LYS A 224 -6.19 -14.18 18.88
N LYS A 225 -6.11 -13.31 17.87
CA LYS A 225 -6.53 -13.70 16.53
C LYS A 225 -5.50 -14.62 15.87
N ILE A 226 -4.21 -14.40 16.15
CA ILE A 226 -3.17 -15.29 15.64
C ILE A 226 -3.30 -16.68 16.24
N ARG A 227 -3.65 -16.76 17.54
CA ARG A 227 -3.83 -18.06 18.17
C ARG A 227 -5.02 -18.80 17.58
N SER A 228 -6.04 -18.08 17.11
CA SER A 228 -7.24 -18.68 16.55
C SER A 228 -7.14 -18.86 15.04
N ALA A 229 -5.95 -18.76 14.47
CA ALA A 229 -5.75 -18.84 13.04
C ALA A 229 -6.08 -20.22 12.52
N VAL A 230 -6.80 -20.26 11.40
CA VAL A 230 -7.17 -21.53 10.80
C VAL A 230 -5.93 -22.16 10.18
N THR A 231 -5.58 -23.36 10.66
CA THR A 231 -4.50 -24.19 10.12
C THR A 231 -5.09 -25.46 9.53
N ASP A 232 -4.22 -26.36 9.10
CA ASP A 232 -4.68 -27.66 8.62
C ASP A 232 -4.60 -28.70 9.73
N SER A 233 -4.42 -29.96 9.34
CA SER A 233 -4.31 -31.07 10.26
C SER A 233 -2.97 -31.80 10.13
N GLU A 234 -2.14 -31.41 9.16
CA GLU A 234 -0.95 -32.16 8.80
C GLU A 234 0.05 -32.28 9.94
N ARG A 235 -0.09 -31.50 11.01
CA ARG A 235 0.83 -31.55 12.16
C ARG A 235 2.28 -31.26 11.77
N ASP A 236 2.51 -30.76 10.56
CA ASP A 236 3.82 -30.53 9.99
C ASP A 236 3.93 -29.05 9.64
N ILE A 237 5.01 -28.40 10.08
CA ILE A 237 5.23 -26.97 9.79
C ILE A 237 6.05 -26.92 8.50
N ARG A 238 5.35 -26.76 7.38
CA ARG A 238 5.95 -26.72 6.05
C ARG A 238 5.37 -25.55 5.25
N TYR A 239 6.23 -24.83 4.52
CA TYR A 239 5.77 -23.73 3.68
C TYR A 239 5.28 -24.27 2.34
N ASP A 240 3.97 -24.37 2.17
CA ASP A 240 3.37 -24.55 0.85
C ASP A 240 2.08 -23.77 0.80
N PRO A 241 2.11 -22.55 0.24
CA PRO A 241 0.90 -21.71 0.16
C PRO A 241 -0.27 -22.42 -0.49
N ASP A 242 0.00 -23.37 -1.37
CA ASP A 242 -1.03 -24.10 -2.07
C ASP A 242 -1.88 -24.93 -1.11
N VAL A 243 -1.32 -26.04 -0.62
CA VAL A 243 -2.07 -26.96 0.23
C VAL A 243 -2.11 -26.52 1.69
N LYS A 244 -1.15 -25.72 2.16
CA LYS A 244 -1.12 -25.32 3.56
C LYS A 244 -1.32 -23.81 3.63
N PRO A 245 -2.53 -23.34 3.43
CA PRO A 245 -2.73 -21.89 3.32
C PRO A 245 -2.49 -21.19 4.65
N GLY A 246 -3.34 -21.49 5.65
CA GLY A 246 -3.21 -20.84 6.93
C GLY A 246 -1.82 -20.97 7.53
N VAL A 247 -1.20 -22.14 7.36
CA VAL A 247 0.08 -22.44 7.99
C VAL A 247 1.21 -21.68 7.27
N SER A 248 1.17 -21.63 5.94
CA SER A 248 2.16 -20.87 5.20
C SER A 248 2.00 -19.37 5.43
N ASN A 249 0.76 -18.93 5.69
CA ASN A 249 0.53 -17.53 6.00
C ASN A 249 1.27 -17.13 7.28
N LEU A 250 1.09 -17.93 8.34
CA LEU A 250 1.65 -17.63 9.63
C LEU A 250 3.16 -17.52 9.54
N LEU A 251 3.78 -18.44 8.80
CA LEU A 251 5.22 -18.38 8.59
C LEU A 251 5.57 -17.18 7.71
N ASN A 252 4.73 -16.86 6.73
CA ASN A 252 5.00 -15.71 5.86
C ASN A 252 5.05 -14.46 6.73
N ILE A 253 4.07 -14.35 7.61
CA ILE A 253 3.91 -13.26 8.55
C ILE A 253 5.08 -13.23 9.50
N GLN A 254 5.39 -14.38 10.11
CA GLN A 254 6.45 -14.40 11.09
C GLN A 254 7.80 -14.07 10.47
N SER A 255 8.03 -14.58 9.26
CA SER A 255 9.27 -14.26 8.55
C SER A 255 9.38 -12.77 8.27
N ALA A 256 8.27 -12.12 7.89
CA ALA A 256 8.33 -10.72 7.51
C ALA A 256 8.56 -9.79 8.70
N VAL A 257 7.94 -10.06 9.85
CA VAL A 257 8.10 -9.20 11.02
C VAL A 257 9.41 -9.45 11.75
N THR A 258 10.24 -10.41 11.31
CA THR A 258 11.43 -10.84 12.02
C THR A 258 12.73 -10.65 11.24
N GLY A 259 12.70 -10.77 9.93
CA GLY A 259 13.93 -10.79 9.15
C GLY A 259 14.50 -12.16 8.94
N THR A 260 13.84 -13.20 9.42
CA THR A 260 14.33 -14.57 9.32
C THR A 260 13.68 -15.24 8.13
N ASP A 261 14.49 -15.82 7.25
CA ASP A 261 13.97 -16.51 6.07
C ASP A 261 13.01 -17.63 6.49
N ILE A 262 12.08 -17.96 5.60
CA ILE A 262 11.07 -18.95 5.95
C ILE A 262 11.70 -20.33 6.14
N ASP A 263 12.59 -20.73 5.24
CA ASP A 263 13.25 -22.03 5.34
C ASP A 263 13.98 -22.15 6.68
N VAL A 264 14.62 -21.08 7.13
CA VAL A 264 15.34 -21.15 8.40
C VAL A 264 14.35 -21.31 9.55
N LEU A 265 13.14 -20.77 9.40
CA LEU A 265 12.09 -21.01 10.38
C LEU A 265 11.53 -22.43 10.27
N VAL A 266 11.18 -22.85 9.04
CA VAL A 266 10.51 -24.14 8.85
C VAL A 266 11.37 -25.29 9.36
N ASP A 267 12.69 -25.19 9.14
CA ASP A 267 13.61 -26.19 9.69
C ASP A 267 13.74 -26.06 11.19
N GLY A 268 13.74 -24.83 11.71
CA GLY A 268 13.68 -24.64 13.14
C GLY A 268 12.40 -25.21 13.74
N TYR A 269 11.35 -25.39 12.93
CA TYR A 269 10.07 -25.91 13.38
C TYR A 269 9.92 -27.41 13.12
N ALA A 270 11.00 -28.10 12.79
CA ALA A 270 10.99 -29.56 12.74
C ALA A 270 10.76 -30.11 14.15
N GLY A 271 9.76 -30.97 14.29
CA GLY A 271 9.34 -31.48 15.58
C GLY A 271 8.25 -30.67 16.26
N HIS A 272 8.10 -29.41 15.88
CA HIS A 272 7.10 -28.55 16.48
C HIS A 272 5.72 -28.74 15.87
N GLY A 273 4.71 -28.40 16.65
CA GLY A 273 3.34 -28.34 16.19
C GLY A 273 2.87 -26.91 15.98
N TYR A 274 1.57 -26.80 15.65
CA TYR A 274 1.03 -25.51 15.23
C TYR A 274 0.83 -24.56 16.40
N GLY A 275 0.73 -25.09 17.62
CA GLY A 275 0.69 -24.21 18.77
C GLY A 275 1.94 -23.35 18.87
N ASP A 276 3.10 -24.00 18.78
CA ASP A 276 4.36 -23.24 18.82
C ASP A 276 4.42 -22.25 17.67
N LEU A 277 3.80 -22.58 16.53
CA LEU A 277 3.82 -21.67 15.41
C LEU A 277 2.98 -20.41 15.68
N LYS A 278 1.76 -20.58 16.21
CA LYS A 278 0.92 -19.42 16.49
C LYS A 278 1.46 -18.59 17.65
N LYS A 279 2.03 -19.26 18.66
CA LYS A 279 2.68 -18.56 19.76
C LYS A 279 3.80 -17.65 19.27
N ASP A 280 4.73 -18.19 18.49
CA ASP A 280 5.87 -17.40 18.05
C ASP A 280 5.44 -16.28 17.13
N THR A 281 4.47 -16.55 16.24
CA THR A 281 3.98 -15.50 15.36
C THR A 281 3.27 -14.40 16.16
N ALA A 282 2.45 -14.77 17.14
CA ALA A 282 1.84 -13.74 17.99
C ALA A 282 2.89 -13.05 18.88
N GLU A 283 3.87 -13.80 19.39
CA GLU A 283 5.02 -13.15 20.04
C GLU A 283 5.58 -12.04 19.16
N ALA A 284 5.83 -12.34 17.87
CA ALA A 284 6.57 -11.41 17.02
C ALA A 284 5.70 -10.24 16.55
N VAL A 285 4.43 -10.51 16.25
CA VAL A 285 3.55 -9.42 15.86
C VAL A 285 3.38 -8.45 17.02
N VAL A 286 3.24 -8.96 18.24
CA VAL A 286 3.09 -8.06 19.37
C VAL A 286 4.33 -7.19 19.50
N GLU A 287 5.53 -7.78 19.37
CA GLU A 287 6.73 -6.95 19.44
C GLU A 287 6.91 -6.08 18.22
N PHE A 288 6.25 -6.43 17.11
CA PHE A 288 6.24 -5.54 15.96
C PHE A 288 5.34 -4.34 16.21
N VAL A 289 4.08 -4.57 16.59
CA VAL A 289 3.15 -3.45 16.60
C VAL A 289 3.38 -2.50 17.78
N ASN A 290 3.98 -2.91 18.92
CA ASN A 290 4.12 -1.94 20.00
C ASN A 290 4.97 -0.74 19.62
N PRO A 291 6.19 -0.89 19.12
CA PRO A 291 6.94 0.33 18.75
C PRO A 291 6.13 1.20 17.79
N ILE A 292 5.29 0.59 16.96
CA ILE A 292 4.45 1.36 16.03
C ILE A 292 3.41 2.15 16.80
N GLN A 293 2.66 1.47 17.65
CA GLN A 293 1.58 2.14 18.37
C GLN A 293 2.10 3.28 19.23
N ALA A 294 3.28 3.14 19.81
CA ALA A 294 3.86 4.22 20.60
C ALA A 294 4.17 5.42 19.71
N ARG A 295 4.83 5.19 18.58
CA ARG A 295 5.12 6.25 17.62
C ARG A 295 3.83 6.93 17.13
N VAL A 296 2.83 6.12 16.77
CA VAL A 296 1.57 6.64 16.25
C VAL A 296 0.86 7.47 17.29
N ASP A 297 0.86 7.02 18.54
CA ASP A 297 0.21 7.79 19.59
C ASP A 297 0.80 9.19 19.69
N GLU A 298 2.13 9.28 19.84
CA GLU A 298 2.83 10.56 19.88
C GLU A 298 2.47 11.45 18.70
N LEU A 299 2.48 10.90 17.48
CA LEU A 299 2.22 11.71 16.30
C LEU A 299 0.80 12.25 16.28
N THR A 300 -0.16 11.50 16.84
CA THR A 300 -1.52 11.99 16.96
C THR A 300 -1.67 13.01 18.09
N ALA A 301 -0.99 12.80 19.21
CA ALA A 301 -1.09 13.78 20.27
C ALA A 301 -0.28 15.04 20.01
N ASP A 302 0.74 14.97 19.15
CA ASP A 302 1.57 16.13 18.81
C ASP A 302 1.58 16.21 17.28
N PRO A 303 0.51 16.75 16.69
CA PRO A 303 0.39 16.71 15.22
C PRO A 303 1.31 17.67 14.50
N ALA A 304 1.93 18.62 15.21
CA ALA A 304 2.81 19.60 14.57
C ALA A 304 3.76 18.95 13.58
N GLU A 305 4.44 17.88 14.01
CA GLU A 305 5.41 17.20 13.17
C GLU A 305 4.76 16.63 11.91
N LEU A 306 3.68 15.87 12.09
CA LEU A 306 3.06 15.18 10.97
C LEU A 306 2.54 16.17 9.94
N GLU A 307 2.12 17.36 10.38
CA GLU A 307 1.57 18.32 9.45
C GLU A 307 2.65 19.11 8.76
N ALA A 308 3.79 19.28 9.43
CA ALA A 308 4.94 19.85 8.75
C ALA A 308 5.40 18.92 7.64
N VAL A 309 5.52 17.62 7.93
CA VAL A 309 5.90 16.66 6.91
C VAL A 309 4.95 16.75 5.73
N LEU A 310 3.65 16.65 5.99
CA LEU A 310 2.65 16.65 4.93
C LEU A 310 2.64 17.99 4.18
N ALA A 311 2.98 19.08 4.85
CA ALA A 311 2.97 20.36 4.16
C ALA A 311 4.16 20.49 3.23
N ALA A 312 5.35 20.10 3.70
CA ALA A 312 6.50 20.07 2.79
C ALA A 312 6.29 19.02 1.71
N GLY A 313 5.71 17.87 2.08
CA GLY A 313 5.41 16.85 1.10
C GLY A 313 4.58 17.39 -0.05
N ALA A 314 3.51 18.11 0.28
CA ALA A 314 2.62 18.56 -0.78
C ALA A 314 3.28 19.60 -1.67
N GLN A 315 4.17 20.43 -1.12
CA GLN A 315 4.73 21.44 -1.99
C GLN A 315 5.69 20.79 -2.96
N ARG A 316 6.44 19.79 -2.50
CA ARG A 316 7.35 19.09 -3.40
C ARG A 316 6.58 18.29 -4.44
N ALA A 317 5.42 17.75 -4.06
CA ALA A 317 4.65 16.96 -5.00
C ALA A 317 4.04 17.85 -6.08
N HIS A 318 3.56 19.03 -5.69
CA HIS A 318 3.04 20.00 -6.66
C HIS A 318 4.14 20.48 -7.59
N ASP A 319 5.36 20.64 -7.07
CA ASP A 319 6.45 21.10 -7.92
C ASP A 319 6.73 20.10 -9.04
N VAL A 320 6.71 18.81 -8.71
CA VAL A 320 6.92 17.79 -9.73
C VAL A 320 5.67 17.60 -10.58
N ALA A 321 4.54 17.33 -9.94
CA ALA A 321 3.36 16.92 -10.69
C ALA A 321 2.80 18.04 -11.58
N SER A 322 2.95 19.31 -11.20
CA SER A 322 2.45 20.36 -12.08
C SER A 322 3.30 20.51 -13.34
N LYS A 323 4.57 20.11 -13.27
CA LYS A 323 5.43 20.23 -14.44
C LYS A 323 5.10 19.15 -15.44
N THR A 324 4.75 17.96 -14.94
CA THR A 324 4.25 16.89 -15.77
C THR A 324 2.95 17.28 -16.45
N VAL A 325 2.03 17.90 -15.70
CA VAL A 325 0.75 18.27 -16.28
C VAL A 325 0.96 19.29 -17.40
N GLN A 326 1.81 20.29 -17.20
CA GLN A 326 2.02 21.25 -18.27
C GLN A 326 2.74 20.64 -19.46
N ARG A 327 3.55 19.60 -19.25
CA ARG A 327 4.17 18.96 -20.39
C ARG A 327 3.14 18.18 -21.19
N VAL A 328 2.25 17.49 -20.49
CA VAL A 328 1.16 16.77 -21.13
C VAL A 328 0.20 17.74 -21.80
N TYR A 329 -0.14 18.82 -21.11
CA TYR A 329 -1.05 19.79 -21.67
C TYR A 329 -0.45 20.38 -22.93
N ASP A 330 0.83 20.74 -22.87
CA ASP A 330 1.50 21.28 -24.04
C ASP A 330 1.45 20.30 -25.20
N ARG A 331 1.67 19.02 -24.93
CA ARG A 331 1.68 18.06 -26.03
C ARG A 331 0.29 17.90 -26.63
N LEU A 332 -0.75 18.09 -25.82
CA LEU A 332 -2.10 17.94 -26.33
C LEU A 332 -2.50 19.10 -27.24
N GLY A 333 -1.85 20.24 -27.12
CA GLY A 333 -2.25 21.44 -27.80
C GLY A 333 -3.00 22.46 -26.96
N PHE A 334 -3.10 22.27 -25.65
CA PHE A 334 -3.79 23.24 -24.81
C PHE A 334 -3.01 24.54 -24.83
N LEU A 335 -3.74 25.65 -24.77
CA LEU A 335 -3.13 26.95 -24.58
C LEU A 335 -2.69 27.08 -23.11
N LEU A 336 -1.42 27.36 -22.88
CA LEU A 336 -0.95 27.41 -21.49
C LEU A 336 -1.12 28.78 -20.84
PG ATP B . -9.52 -1.44 1.18
O1G ATP B . -10.05 -2.80 1.57
O2G ATP B . -9.36 -1.30 -0.33
O3G ATP B . -10.10 -0.21 1.88
PB ATP B . -6.85 -2.43 1.25
O1B ATP B . -6.63 -3.39 2.37
O2B ATP B . -7.10 -3.02 -0.13
O3B ATP B . -8.02 -1.44 1.76
PA ATP B . -5.53 -0.23 -0.01
O1A ATP B . -5.34 1.16 0.56
O2A ATP B . -6.66 -0.46 -1.01
O3A ATP B . -5.64 -1.34 1.18
O5' ATP B . -4.17 -0.75 -0.71
C5' ATP B . -2.96 0.00 -0.78
C4' ATP B . -1.78 -0.97 -0.84
O4' ATP B . -2.00 -2.04 0.09
C3' ATP B . -1.53 -1.64 -2.19
O3' ATP B . -0.12 -1.66 -2.48
C2' ATP B . -2.02 -3.07 -1.98
O2' ATP B . -1.36 -4.05 -2.81
C1' ATP B . -1.70 -3.28 -0.51
N9 ATP B . -2.49 -4.38 0.09
C8 ATP B . -3.80 -4.32 0.39
N7 ATP B . -4.23 -5.50 0.93
C5 ATP B . -3.17 -6.34 0.97
C6 ATP B . -2.92 -7.72 1.43
N6 ATP B . -3.93 -8.48 1.95
N1 ATP B . -1.67 -8.21 1.27
C2 ATP B . -0.67 -7.48 0.75
N3 ATP B . -0.83 -6.21 0.33
C4 ATP B . -2.02 -5.59 0.41
MG MG C . -7.97 -1.99 -1.91
N JE3 D . -9.11 3.32 -5.14
O1 JE3 D . -6.48 -0.44 -4.63
C10 JE3 D . 0.11 3.84 -6.38
C11 JE3 D . -0.18 2.61 -5.83
C12 JE3 D . -1.47 2.35 -5.42
C13 JE3 D . -2.51 3.27 -5.53
C JE3 D . -5.13 2.42 -3.17
O JE3 D . -6.87 2.95 -5.50
C1 JE3 D . -4.73 2.16 -4.62
C2 JE3 D . -5.96 1.82 -5.49
C3 JE3 D . -8.08 2.47 -5.15
C4 JE3 D . -10.41 2.78 -4.76
C5 JE3 D . -6.83 0.69 -4.95
C6 JE3 D . -3.92 3.30 -5.24
C7 JE3 D . -4.35 4.52 -5.61
C8 JE3 D . -2.17 4.52 -6.08
C9 JE3 D . -0.87 4.82 -6.50
F JE3 D . -1.74 1.15 -4.86
N1 JE3 D . -8.10 1.17 -4.82
N2 JE3 D . -3.32 5.27 -6.12
#